data_4EBV
#
_entry.id   4EBV
#
_cell.length_a   74.222
_cell.length_b   47.954
_cell.length_c   83.281
_cell.angle_alpha   90.00
_cell.angle_beta   112.45
_cell.angle_gamma   90.00
#
_symmetry.space_group_name_H-M   'C 1 2 1'
#
loop_
_entity.id
_entity.type
_entity.pdbx_description
1 polymer 'Focal adhesion kinase 1'
2 non-polymer '8-(4-ethylphenyl)-5-methyl-2,5-dihydropyrazolo[4,3-c][2,1]benzothiazine 4,4-dioxide'
3 non-polymer 'ISOPROPYL ALCOHOL'
4 water water
#
_entity_poly.entity_id   1
_entity_poly.type   'polypeptide(L)'
_entity_poly.pdbx_seq_one_letter_code
;MSYYHHHHHHDYDIPTTENLYFQGAMGSSTRDYEIQRERIELGRCIGEGQFGDVHQGIYMSPENPALAVAIKTCKNCTSD
SVREKFLQEALTMRQFDHPHIVKLIGVITENPVWIIMELCTLGELRSFLQVRKYSLDLASLILYAYQLSTALAYLESKRF
VHRDIAARNVLVSSNDCVKLGDFGLSRYMEDSTYYKASKGKLPIKWMAPESINFRRFTSASDVWMFGVCMWEILMHGVKP
FQGVKNNDVIGRIENGERLPMPPNCPPTLYSLMTKCWAYDPSRRPRFTELKAQLSTILEEEKAQ
;
_entity_poly.pdbx_strand_id   A
#
# COMPACT_ATOMS: atom_id res chain seq x y z
N SER A 28 2.90 -7.08 24.04
CA SER A 28 3.07 -7.98 22.85
C SER A 28 2.18 -9.24 22.93
N SER A 29 1.07 -9.15 23.65
CA SER A 29 0.15 -10.27 23.76
C SER A 29 -0.70 -10.42 22.50
N THR A 30 -0.70 -11.63 21.96
CA THR A 30 -1.51 -11.96 20.79
C THR A 30 -2.63 -12.94 21.16
N ARG A 31 -2.82 -13.17 22.46
CA ARG A 31 -3.73 -14.22 22.97
C ARG A 31 -5.15 -14.22 22.36
N ASP A 32 -5.78 -13.04 22.24
CA ASP A 32 -7.14 -12.99 21.72
C ASP A 32 -7.21 -13.00 20.19
N TYR A 33 -6.06 -13.05 19.54
CA TYR A 33 -6.03 -13.32 18.11
C TYR A 33 -5.08 -14.46 17.72
N GLU A 34 -4.75 -15.31 18.69
CA GLU A 34 -4.01 -16.54 18.44
C GLU A 34 -4.94 -17.62 17.85
N ILE A 35 -4.53 -18.18 16.71
CA ILE A 35 -5.36 -19.14 15.96
C ILE A 35 -4.80 -20.56 16.08
N GLN A 36 -5.67 -21.52 16.36
CA GLN A 36 -5.23 -22.92 16.42
C GLN A 36 -4.90 -23.42 15.01
N ARG A 37 -3.76 -24.08 14.86
CA ARG A 37 -3.27 -24.45 13.52
C ARG A 37 -4.21 -25.30 12.70
N GLU A 38 -4.89 -26.23 13.36
CA GLU A 38 -5.81 -27.11 12.65
C GLU A 38 -6.99 -26.39 12.00
N ARG A 39 -7.18 -25.11 12.32
CA ARG A 39 -8.24 -24.33 11.71
C ARG A 39 -7.78 -23.69 10.39
N ILE A 40 -6.50 -23.86 10.06
CA ILE A 40 -5.94 -23.31 8.83
C ILE A 40 -5.54 -24.41 7.86
N GLU A 41 -6.02 -24.30 6.62
CA GLU A 41 -5.58 -25.15 5.53
C GLU A 41 -4.67 -24.34 4.60
N LEU A 42 -3.37 -24.61 4.67
CA LEU A 42 -2.36 -23.90 3.89
C LEU A 42 -2.37 -24.32 2.43
N GLY A 43 -2.71 -23.37 1.55
CA GLY A 43 -2.71 -23.60 0.09
C GLY A 43 -1.45 -23.17 -0.64
N ARG A 44 -1.61 -22.79 -1.91
CA ARG A 44 -0.45 -22.51 -2.78
C ARG A 44 0.13 -21.12 -2.53
N CYS A 45 1.42 -20.98 -2.84
CA CYS A 45 2.09 -19.68 -2.79
C CYS A 45 1.48 -18.69 -3.79
N ILE A 46 1.12 -17.50 -3.31
CA ILE A 46 0.47 -16.49 -4.14
C ILE A 46 1.29 -15.19 -4.21
N GLY A 47 2.37 -15.12 -3.43
CA GLY A 47 3.21 -13.91 -3.43
C GLY A 47 4.33 -13.92 -2.42
N GLU A 48 4.80 -12.73 -2.05
CA GLU A 48 5.96 -12.62 -1.17
C GLU A 48 5.91 -11.37 -0.31
N GLY A 49 6.44 -11.50 0.90
CA GLY A 49 6.63 -10.36 1.82
C GLY A 49 8.10 -10.22 2.18
N GLN A 50 8.42 -9.25 3.03
CA GLN A 50 9.81 -8.99 3.45
C GLN A 50 10.44 -10.23 4.09
N PHE A 51 9.62 -11.08 4.69
CA PHE A 51 10.11 -12.19 5.51
C PHE A 51 9.99 -13.56 4.84
N GLY A 52 9.32 -13.61 3.70
CA GLY A 52 9.12 -14.87 2.99
C GLY A 52 7.82 -14.99 2.23
N ASP A 53 7.54 -16.21 1.76
CA ASP A 53 6.38 -16.45 0.90
C ASP A 53 5.02 -16.21 1.56
N VAL A 54 4.08 -15.73 0.75
CA VAL A 54 2.68 -15.57 1.16
C VAL A 54 1.86 -16.63 0.44
N HIS A 55 1.05 -17.34 1.22
CA HIS A 55 0.24 -18.44 0.70
C HIS A 55 -1.20 -18.10 0.76
N GLN A 56 -1.99 -18.67 -0.16
CA GLN A 56 -3.43 -18.67 -0.01
C GLN A 56 -3.79 -19.74 1.03
N GLY A 57 -4.89 -19.53 1.74
CA GLY A 57 -5.34 -20.54 2.72
C GLY A 57 -6.84 -20.52 2.96
N ILE A 58 -7.32 -21.46 3.79
CA ILE A 58 -8.69 -21.42 4.24
C ILE A 58 -8.69 -21.46 5.77
N TYR A 59 -9.47 -20.57 6.36
CA TYR A 59 -9.62 -20.50 7.80
C TYR A 59 -11.02 -20.95 8.20
N MET A 60 -11.08 -21.94 9.09
CA MET A 60 -12.34 -22.52 9.53
C MET A 60 -12.66 -22.02 10.94
N SER A 61 -13.67 -21.15 11.05
CA SER A 61 -14.09 -20.61 12.35
C SER A 61 -15.62 -20.64 12.49
N PRO A 62 -16.14 -20.43 13.71
CA PRO A 62 -17.61 -20.34 13.87
C PRO A 62 -18.26 -19.26 12.98
N GLU A 63 -17.57 -18.13 12.82
CA GLU A 63 -18.04 -17.00 12.01
C GLU A 63 -18.26 -17.37 10.55
N ASN A 64 -17.34 -18.17 10.02
CA ASN A 64 -17.32 -18.55 8.62
C ASN A 64 -16.66 -19.92 8.49
N PRO A 65 -17.43 -20.92 7.99
CA PRO A 65 -16.94 -22.30 7.87
C PRO A 65 -15.69 -22.43 6.98
N ALA A 66 -15.56 -21.55 6.00
CA ALA A 66 -14.44 -21.59 5.06
C ALA A 66 -14.11 -20.21 4.50
N LEU A 67 -13.32 -19.44 5.24
CA LEU A 67 -12.88 -18.12 4.79
C LEU A 67 -11.54 -18.19 4.07
N ALA A 68 -11.44 -17.62 2.86
CA ALA A 68 -10.16 -17.57 2.16
C ALA A 68 -9.28 -16.53 2.85
N VAL A 69 -8.02 -16.86 3.07
CA VAL A 69 -7.08 -15.95 3.74
C VAL A 69 -5.74 -15.89 3.02
N ALA A 70 -4.94 -14.88 3.35
CA ALA A 70 -3.55 -14.85 2.95
C ALA A 70 -2.69 -15.13 4.16
N ILE A 71 -1.68 -15.96 3.98
CA ILE A 71 -0.86 -16.38 5.10
C ILE A 71 0.58 -15.97 4.87
N LYS A 72 1.08 -15.03 5.68
CA LYS A 72 2.49 -14.68 5.64
C LYS A 72 3.33 -15.74 6.33
N THR A 73 4.36 -16.23 5.64
CA THR A 73 5.31 -17.14 6.29
C THR A 73 6.68 -16.50 6.46
N CYS A 74 7.54 -17.15 7.22
CA CYS A 74 8.84 -16.59 7.53
C CYS A 74 9.95 -17.63 7.32
N LYS A 75 10.85 -17.33 6.39
CA LYS A 75 11.92 -18.26 6.03
C LYS A 75 12.99 -18.42 7.10
N ASN A 76 13.19 -17.41 7.93
CA ASN A 76 14.29 -17.41 8.91
C ASN A 76 13.85 -17.28 10.37
N CYS A 77 12.60 -17.65 10.66
CA CYS A 77 12.07 -17.42 12.00
C CYS A 77 12.48 -18.50 13.01
N THR A 78 13.48 -19.29 12.63
CA THR A 78 14.20 -20.16 13.56
C THR A 78 15.24 -19.32 14.33
N SER A 79 15.65 -18.21 13.73
CA SER A 79 16.39 -17.16 14.42
C SER A 79 15.41 -16.29 15.21
N ASP A 80 15.69 -16.08 16.49
CA ASP A 80 14.75 -15.39 17.36
C ASP A 80 14.66 -13.87 17.12
N SER A 81 15.76 -13.26 16.69
CA SER A 81 15.76 -11.84 16.34
C SER A 81 14.91 -11.60 15.10
N VAL A 82 15.01 -12.50 14.12
CA VAL A 82 14.17 -12.45 12.93
C VAL A 82 12.69 -12.68 13.29
N ARG A 83 12.45 -13.67 14.13
CA ARG A 83 11.11 -14.00 14.60
C ARG A 83 10.45 -12.82 15.31
N GLU A 84 11.24 -12.11 16.13
CA GLU A 84 10.73 -10.92 16.82
C GLU A 84 10.29 -9.82 15.83
N LYS A 85 11.10 -9.59 14.80
CA LYS A 85 10.77 -8.56 13.80
C LYS A 85 9.53 -8.95 12.98
N PHE A 86 9.41 -10.22 12.64
CA PHE A 86 8.27 -10.71 11.86
C PHE A 86 6.96 -10.50 12.63
N LEU A 87 6.93 -10.97 13.87
CA LEU A 87 5.71 -10.86 14.67
C LEU A 87 5.40 -9.42 15.04
N GLN A 88 6.42 -8.56 14.98
CA GLN A 88 6.18 -7.12 15.08
C GLN A 88 5.28 -6.58 13.97
N GLU A 89 5.37 -7.14 12.76
CA GLU A 89 4.45 -6.75 11.67
C GLU A 89 3.00 -6.98 12.12
N ALA A 90 2.76 -8.11 12.79
CA ALA A 90 1.41 -8.42 13.26
C ALA A 90 0.97 -7.49 14.38
N LEU A 91 1.85 -7.23 15.35
CA LEU A 91 1.52 -6.37 16.48
C LEU A 91 1.16 -4.96 16.00
N THR A 92 1.87 -4.50 14.98
CA THR A 92 1.60 -3.20 14.36
C THR A 92 0.25 -3.18 13.63
N MET A 93 0.02 -4.17 12.77
CA MET A 93 -1.23 -4.29 12.00
C MET A 93 -2.45 -4.38 12.92
N ARG A 94 -2.27 -5.00 14.08
CA ARG A 94 -3.36 -5.18 15.06
C ARG A 94 -3.97 -3.85 15.52
N GLN A 95 -3.17 -2.80 15.61
CA GLN A 95 -3.65 -1.54 16.16
C GLN A 95 -4.53 -0.74 15.19
N PHE A 96 -4.66 -1.22 13.95
CA PHE A 96 -5.44 -0.52 12.92
C PHE A 96 -6.67 -1.29 12.49
N ASP A 97 -7.69 -0.53 12.13
CA ASP A 97 -8.91 -1.09 11.62
C ASP A 97 -9.52 -0.05 10.71
N HIS A 98 -9.43 -0.32 9.41
CA HIS A 98 -9.89 0.61 8.39
C HIS A 98 -10.35 -0.16 7.18
N PRO A 99 -11.40 0.33 6.48
CA PRO A 99 -11.91 -0.36 5.30
C PRO A 99 -10.89 -0.51 4.16
N HIS A 100 -9.87 0.34 4.16
CA HIS A 100 -8.90 0.34 3.07
C HIS A 100 -7.50 0.06 3.54
N ILE A 101 -7.42 -0.74 4.61
CA ILE A 101 -6.15 -1.29 5.08
C ILE A 101 -6.35 -2.79 5.28
N VAL A 102 -5.46 -3.61 4.69
CA VAL A 102 -5.55 -5.07 4.79
C VAL A 102 -5.64 -5.50 6.26
N LYS A 103 -6.68 -6.25 6.61
CA LYS A 103 -6.98 -6.62 8.00
C LYS A 103 -6.14 -7.80 8.50
N LEU A 104 -5.71 -7.72 9.75
CA LEU A 104 -5.09 -8.85 10.43
C LEU A 104 -6.20 -9.74 10.99
N ILE A 105 -6.18 -11.02 10.61
CA ILE A 105 -7.17 -11.97 11.14
C ILE A 105 -6.64 -12.62 12.41
N GLY A 106 -5.37 -13.05 12.39
CA GLY A 106 -4.73 -13.62 13.57
C GLY A 106 -3.31 -14.07 13.34
N VAL A 107 -2.73 -14.72 14.34
CA VAL A 107 -1.36 -15.23 14.26
C VAL A 107 -1.22 -16.65 14.82
N ILE A 108 -0.14 -17.32 14.42
CA ILE A 108 0.30 -18.55 15.09
C ILE A 108 1.75 -18.32 15.45
N THR A 109 2.03 -18.23 16.75
CA THR A 109 3.34 -17.78 17.24
C THR A 109 4.27 -18.94 17.62
N GLU A 110 3.79 -20.17 17.42
CA GLU A 110 4.63 -21.37 17.48
C GLU A 110 5.10 -21.74 16.07
N ASN A 111 6.32 -22.30 15.98
CA ASN A 111 6.91 -22.65 14.68
C ASN A 111 6.15 -23.74 13.93
N PRO A 112 5.96 -23.58 12.60
CA PRO A 112 6.34 -22.40 11.82
C PRO A 112 5.37 -21.22 12.04
N VAL A 113 5.93 -20.05 12.32
CA VAL A 113 5.13 -18.88 12.65
C VAL A 113 4.43 -18.35 11.41
N TRP A 114 3.15 -18.02 11.56
CA TRP A 114 2.33 -17.51 10.46
C TRP A 114 1.60 -16.28 10.90
N ILE A 115 1.38 -15.38 9.97
CA ILE A 115 0.47 -14.25 10.19
C ILE A 115 -0.69 -14.42 9.20
N ILE A 116 -1.92 -14.46 9.75
CA ILE A 116 -3.13 -14.69 8.95
C ILE A 116 -3.85 -13.39 8.66
N MET A 117 -3.98 -13.08 7.37
CA MET A 117 -4.52 -11.82 6.89
C MET A 117 -5.72 -12.03 5.99
N GLU A 118 -6.52 -10.98 5.80
CA GLU A 118 -7.57 -11.05 4.80
C GLU A 118 -6.95 -11.27 3.42
N LEU A 119 -7.68 -12.00 2.56
CA LEU A 119 -7.23 -12.24 1.20
C LEU A 119 -7.88 -11.25 0.24
N CYS A 120 -7.05 -10.43 -0.40
CA CYS A 120 -7.54 -9.56 -1.48
C CYS A 120 -7.55 -10.33 -2.80
N THR A 121 -8.73 -10.83 -3.16
CA THR A 121 -8.88 -11.86 -4.22
C THR A 121 -8.41 -11.44 -5.62
N LEU A 122 -8.44 -10.14 -5.90
CA LEU A 122 -8.08 -9.65 -7.23
C LEU A 122 -6.58 -9.27 -7.37
N GLY A 123 -5.79 -9.55 -6.33
CA GLY A 123 -4.34 -9.42 -6.41
C GLY A 123 -3.80 -8.01 -6.25
N GLU A 124 -2.63 -7.75 -6.85
CA GLU A 124 -1.93 -6.46 -6.71
C GLU A 124 -2.56 -5.43 -7.64
N LEU A 125 -2.69 -4.20 -7.15
CA LEU A 125 -3.30 -3.15 -7.99
C LEU A 125 -2.50 -2.91 -9.27
N ARG A 126 -1.17 -2.87 -9.19
CA ARG A 126 -0.40 -2.63 -10.41
C ARG A 126 -0.80 -3.54 -11.59
N SER A 127 -0.80 -4.85 -11.36
CA SER A 127 -1.12 -5.78 -12.45
C SER A 127 -2.62 -5.78 -12.80
N PHE A 128 -3.46 -5.48 -11.80
CA PHE A 128 -4.90 -5.31 -12.00
C PHE A 128 -5.12 -4.20 -13.02
N LEU A 129 -4.38 -3.11 -12.86
CA LEU A 129 -4.52 -1.95 -13.74
C LEU A 129 -3.95 -2.22 -15.13
N GLN A 130 -2.88 -3.00 -15.21
CA GLN A 130 -2.25 -3.29 -16.48
C GLN A 130 -3.17 -4.13 -17.39
N VAL A 131 -3.85 -5.10 -16.80
CA VAL A 131 -4.74 -5.98 -17.58
C VAL A 131 -6.12 -5.36 -17.86
N ARG A 132 -6.45 -4.26 -17.15
CA ARG A 132 -7.78 -3.64 -17.26
C ARG A 132 -7.71 -2.17 -17.75
N LYS A 133 -6.71 -1.86 -18.58
CA LYS A 133 -6.53 -0.51 -19.08
C LYS A 133 -7.79 0.06 -19.79
N TYR A 134 -8.60 -0.81 -20.39
CA TYR A 134 -9.78 -0.38 -21.16
C TYR A 134 -11.13 -0.79 -20.58
N SER A 135 -11.10 -1.44 -19.42
CA SER A 135 -12.33 -1.95 -18.83
C SER A 135 -12.61 -1.27 -17.50
N LEU A 136 -11.72 -0.36 -17.10
CA LEU A 136 -11.92 0.48 -15.92
C LEU A 136 -12.22 1.91 -16.34
N ASP A 137 -13.35 2.44 -15.88
CA ASP A 137 -13.65 3.84 -16.19
C ASP A 137 -12.78 4.77 -15.35
N LEU A 138 -12.60 5.99 -15.85
CA LEU A 138 -11.79 6.97 -15.14
C LEU A 138 -12.30 7.17 -13.72
N ALA A 139 -13.63 7.10 -13.52
CA ALA A 139 -14.21 7.19 -12.18
C ALA A 139 -13.67 6.12 -11.21
N SER A 140 -13.38 4.93 -11.72
CA SER A 140 -12.87 3.84 -10.89
C SER A 140 -11.45 4.17 -10.42
N LEU A 141 -10.65 4.71 -11.33
CA LEU A 141 -9.25 5.08 -10.98
C LEU A 141 -9.21 6.13 -9.88
N ILE A 142 -10.09 7.14 -10.00
CA ILE A 142 -10.16 8.21 -9.04
C ILE A 142 -10.68 7.70 -7.69
N LEU A 143 -11.67 6.80 -7.73
CA LEU A 143 -12.15 6.16 -6.51
C LEU A 143 -11.02 5.46 -5.75
N TYR A 144 -10.16 4.77 -6.47
CA TYR A 144 -9.06 4.04 -5.81
C TYR A 144 -8.14 5.03 -5.11
N ALA A 145 -7.81 6.13 -5.77
CA ALA A 145 -6.95 7.14 -5.17
C ALA A 145 -7.63 7.70 -3.92
N TYR A 146 -8.94 8.01 -4.02
CA TYR A 146 -9.71 8.51 -2.88
C TYR A 146 -9.69 7.54 -1.70
N GLN A 147 -10.04 6.27 -1.92
CA GLN A 147 -10.01 5.24 -0.87
C GLN A 147 -8.67 5.15 -0.14
N LEU A 148 -7.58 5.11 -0.91
CA LEU A 148 -6.25 5.10 -0.30
C LEU A 148 -6.00 6.36 0.54
N SER A 149 -6.41 7.53 0.05
CA SER A 149 -6.25 8.76 0.82
C SER A 149 -7.01 8.72 2.16
N THR A 150 -8.16 8.04 2.20
CA THR A 150 -8.87 7.92 3.47
C THR A 150 -8.09 7.09 4.48
N ALA A 151 -7.47 6.01 3.99
CA ALA A 151 -6.63 5.18 4.84
C ALA A 151 -5.39 5.93 5.32
N LEU A 152 -4.79 6.71 4.42
CA LEU A 152 -3.58 7.45 4.76
C LEU A 152 -3.87 8.60 5.73
N ALA A 153 -5.02 9.25 5.58
CA ALA A 153 -5.43 10.31 6.51
C ALA A 153 -5.72 9.72 7.88
N TYR A 154 -6.29 8.52 7.91
CA TYR A 154 -6.52 7.78 9.15
C TYR A 154 -5.21 7.50 9.89
N LEU A 155 -4.23 6.93 9.18
CA LEU A 155 -2.90 6.71 9.76
C LEU A 155 -2.22 8.01 10.22
N GLU A 156 -2.31 9.07 9.41
CA GLU A 156 -1.75 10.40 9.73
C GLU A 156 -2.32 10.93 11.06
N SER A 157 -3.63 10.73 11.26
CA SER A 157 -4.28 11.14 12.52
C SER A 157 -3.77 10.33 13.71
N LYS A 158 -3.34 9.10 13.46
CA LYS A 158 -2.79 8.23 14.50
C LYS A 158 -1.29 8.45 14.74
N ARG A 159 -0.71 9.39 13.99
CA ARG A 159 0.72 9.73 14.04
C ARG A 159 1.63 8.55 13.63
N PHE A 160 1.14 7.72 12.72
CA PHE A 160 1.86 6.51 12.35
C PHE A 160 2.71 6.79 11.12
N VAL A 161 4.02 6.60 11.25
CA VAL A 161 4.89 6.71 10.07
C VAL A 161 5.38 5.29 9.77
N HIS A 162 4.85 4.72 8.69
CA HIS A 162 5.21 3.36 8.28
C HIS A 162 6.64 3.36 7.80
N ARG A 163 7.48 2.56 8.45
CA ARG A 163 8.94 2.61 8.24
C ARG A 163 9.48 1.75 7.09
N ASP A 164 8.81 0.64 6.79
CA ASP A 164 9.35 -0.29 5.80
C ASP A 164 8.89 0.09 4.42
N ILE A 165 9.44 1.19 3.91
CA ILE A 165 8.89 1.84 2.69
C ILE A 165 9.01 0.91 1.46
N ALA A 166 10.00 0.02 1.45
CA ALA A 166 10.19 -0.91 0.35
C ALA A 166 9.06 -1.94 0.23
N ALA A 167 8.37 -2.17 1.34
CA ALA A 167 7.28 -3.16 1.39
C ALA A 167 5.91 -2.58 0.98
N ARG A 168 5.83 -1.26 0.86
CA ARG A 168 4.52 -0.61 0.57
C ARG A 168 3.85 -1.12 -0.70
N ASN A 169 2.57 -1.47 -0.59
CA ASN A 169 1.85 -2.04 -1.73
C ASN A 169 0.37 -1.70 -1.63
N VAL A 170 -0.35 -1.92 -2.73
CA VAL A 170 -1.79 -1.76 -2.75
C VAL A 170 -2.38 -3.01 -3.36
N LEU A 171 -3.37 -3.57 -2.69
CA LEU A 171 -4.03 -4.78 -3.15
C LEU A 171 -5.51 -4.51 -3.43
N VAL A 172 -6.12 -5.41 -4.20
CA VAL A 172 -7.47 -5.20 -4.72
C VAL A 172 -8.42 -6.26 -4.14
N SER A 173 -9.34 -5.83 -3.28
CA SER A 173 -10.27 -6.78 -2.67
C SER A 173 -11.53 -6.99 -3.50
N SER A 174 -11.95 -5.95 -4.21
CA SER A 174 -13.03 -6.06 -5.18
C SER A 174 -12.89 -4.97 -6.25
N ASN A 175 -13.76 -5.02 -7.26
CA ASN A 175 -13.79 -3.99 -8.30
C ASN A 175 -13.85 -2.55 -7.81
N ASP A 176 -14.43 -2.35 -6.63
CA ASP A 176 -14.63 -1.03 -6.08
C ASP A 176 -14.00 -0.89 -4.70
N CYS A 177 -12.97 -1.69 -4.41
CA CYS A 177 -12.27 -1.59 -3.14
C CYS A 177 -10.80 -1.99 -3.23
N VAL A 178 -9.92 -1.01 -2.95
CA VAL A 178 -8.47 -1.26 -2.83
C VAL A 178 -8.02 -1.05 -1.38
N LYS A 179 -6.92 -1.69 -0.99
CA LYS A 179 -6.43 -1.56 0.39
C LYS A 179 -4.91 -1.42 0.47
N LEU A 180 -4.44 -0.69 1.48
CA LEU A 180 -3.00 -0.62 1.78
C LEU A 180 -2.52 -1.97 2.35
N GLY A 181 -1.36 -2.42 1.89
CA GLY A 181 -0.75 -3.65 2.44
C GLY A 181 0.78 -3.58 2.38
N ASP A 182 1.46 -4.56 2.98
CA ASP A 182 2.93 -4.58 3.05
C ASP A 182 3.51 -5.87 2.49
N PHE A 183 2.79 -6.49 1.56
CA PHE A 183 3.26 -7.71 0.88
C PHE A 183 2.78 -7.72 -0.57
N GLY A 184 3.42 -8.55 -1.40
CA GLY A 184 3.04 -8.68 -2.79
C GLY A 184 2.17 -9.89 -3.09
N LEU A 185 1.46 -9.83 -4.22
CA LEU A 185 0.69 -10.97 -4.74
C LEU A 185 1.04 -11.27 -6.21
N LYS A 201 15.58 -3.29 -1.45
CA LYS A 201 16.26 -2.07 -1.88
C LYS A 201 15.32 -0.89 -1.63
N LEU A 202 15.87 0.29 -1.43
CA LEU A 202 15.01 1.49 -1.24
C LEU A 202 14.34 1.93 -2.55
N PRO A 203 13.07 2.34 -2.46
CA PRO A 203 12.37 2.77 -3.66
C PRO A 203 12.67 4.24 -3.99
N ILE A 204 13.91 4.51 -4.39
CA ILE A 204 14.41 5.86 -4.70
C ILE A 204 13.50 6.65 -5.65
N LYS A 205 13.02 5.99 -6.72
CA LYS A 205 12.16 6.65 -7.69
C LYS A 205 10.81 7.13 -7.12
N TRP A 206 10.43 6.59 -5.97
CA TRP A 206 9.20 7.00 -5.27
C TRP A 206 9.40 7.93 -4.11
N MET A 207 10.65 8.23 -3.76
CA MET A 207 10.96 8.92 -2.49
C MET A 207 11.07 10.45 -2.61
N ALA A 208 10.72 11.14 -1.53
CA ALA A 208 10.82 12.59 -1.45
C ALA A 208 12.29 13.00 -1.41
N PRO A 209 12.61 14.21 -1.89
CA PRO A 209 14.00 14.65 -1.98
C PRO A 209 14.70 14.64 -0.63
N GLU A 210 14.01 15.05 0.44
CA GLU A 210 14.63 15.02 1.75
C GLU A 210 14.87 13.59 2.27
N SER A 211 14.11 12.61 1.79
CA SER A 211 14.35 11.22 2.16
C SER A 211 15.57 10.69 1.41
N ILE A 212 15.66 11.06 0.12
CA ILE A 212 16.81 10.66 -0.70
C ILE A 212 18.10 11.30 -0.17
N ASN A 213 18.06 12.61 0.06
CA ASN A 213 19.24 13.39 0.47
C ASN A 213 19.68 13.12 1.91
N PHE A 214 18.72 13.05 2.84
CA PHE A 214 19.04 13.11 4.28
C PHE A 214 18.39 12.03 5.14
N ARG A 215 17.71 11.08 4.49
CA ARG A 215 16.90 10.06 5.16
C ARG A 215 15.96 10.65 6.22
N ARG A 216 15.33 11.79 5.90
CA ARG A 216 14.25 12.37 6.73
C ARG A 216 12.95 11.73 6.27
N PHE A 217 12.16 11.20 7.22
CA PHE A 217 10.88 10.57 6.93
C PHE A 217 9.79 11.13 7.86
N THR A 218 8.79 11.77 7.26
CA THR A 218 7.68 12.37 7.97
C THR A 218 6.43 12.11 7.14
N SER A 219 5.28 12.55 7.66
CA SER A 219 4.03 12.47 6.89
C SER A 219 4.14 13.25 5.56
N ALA A 220 4.92 14.32 5.53
CA ALA A 220 5.12 15.08 4.29
C ALA A 220 5.90 14.25 3.24
N SER A 221 6.87 13.45 3.67
CA SER A 221 7.50 12.54 2.70
C SER A 221 6.53 11.46 2.23
N ASP A 222 5.64 11.02 3.12
CA ASP A 222 4.58 10.08 2.70
C ASP A 222 3.68 10.71 1.63
N VAL A 223 3.36 12.00 1.77
CA VAL A 223 2.53 12.69 0.79
C VAL A 223 3.18 12.71 -0.60
N TRP A 224 4.49 12.97 -0.63
CA TRP A 224 5.23 12.91 -1.91
C TRP A 224 5.10 11.55 -2.56
N MET A 225 5.33 10.49 -1.76
CA MET A 225 5.22 9.13 -2.29
C MET A 225 3.79 8.79 -2.77
N PHE A 226 2.79 9.26 -2.02
CA PHE A 226 1.38 9.02 -2.45
C PHE A 226 1.08 9.76 -3.75
N GLY A 227 1.66 10.96 -3.94
CA GLY A 227 1.56 11.65 -5.23
C GLY A 227 2.05 10.75 -6.37
N VAL A 228 3.19 10.10 -6.14
CA VAL A 228 3.69 9.13 -7.14
C VAL A 228 2.70 7.95 -7.38
N CYS A 229 2.19 7.37 -6.29
CA CYS A 229 1.21 6.27 -6.34
C CYS A 229 0.01 6.71 -7.20
N MET A 230 -0.51 7.91 -6.95
CA MET A 230 -1.61 8.42 -7.80
C MET A 230 -1.26 8.47 -9.30
N TRP A 231 -0.06 8.95 -9.60
CA TRP A 231 0.44 8.98 -10.97
C TRP A 231 0.45 7.61 -11.57
N GLU A 232 0.93 6.63 -10.79
CA GLU A 232 1.00 5.28 -11.30
C GLU A 232 -0.39 4.75 -11.61
N ILE A 233 -1.36 5.04 -10.74
CA ILE A 233 -2.77 4.60 -10.97
C ILE A 233 -3.29 5.15 -12.30
N LEU A 234 -3.01 6.42 -12.57
CA LEU A 234 -3.53 7.07 -13.77
C LEU A 234 -2.77 6.69 -15.02
N MET A 235 -1.58 6.12 -14.83
CA MET A 235 -0.77 5.50 -15.89
C MET A 235 -1.06 4.01 -16.08
N HIS A 236 -2.10 3.53 -15.40
CA HIS A 236 -2.52 2.11 -15.47
C HIS A 236 -1.37 1.20 -15.07
N GLY A 237 -0.62 1.61 -14.05
CA GLY A 237 0.44 0.73 -13.49
C GLY A 237 1.87 0.88 -13.96
N VAL A 238 2.15 1.81 -14.87
CA VAL A 238 3.52 2.10 -15.29
C VAL A 238 4.34 2.66 -14.12
N LYS A 239 5.56 2.18 -13.96
CA LYS A 239 6.46 2.69 -12.87
C LYS A 239 7.06 4.06 -13.21
N PRO A 240 7.32 4.90 -12.19
CA PRO A 240 7.95 6.22 -12.45
C PRO A 240 9.40 6.08 -12.89
N PHE A 241 9.89 7.06 -13.66
CA PHE A 241 11.31 7.14 -14.06
C PHE A 241 11.83 5.87 -14.76
N GLN A 242 11.01 5.27 -15.62
CA GLN A 242 11.45 4.08 -16.35
C GLN A 242 12.69 4.43 -17.18
N GLY A 243 13.71 3.58 -17.10
CA GLY A 243 14.93 3.78 -17.89
C GLY A 243 15.94 4.78 -17.33
N VAL A 244 15.57 5.43 -16.21
CA VAL A 244 16.45 6.37 -15.50
C VAL A 244 17.18 5.64 -14.34
N LYS A 245 18.48 5.92 -14.17
CA LYS A 245 19.22 5.36 -13.05
C LYS A 245 18.79 6.02 -11.74
N ASN A 246 18.70 5.24 -10.67
CA ASN A 246 18.34 5.77 -9.34
C ASN A 246 19.13 7.03 -8.98
N ASN A 247 20.44 7.04 -9.21
CA ASN A 247 21.30 8.19 -8.87
C ASN A 247 20.97 9.49 -9.60
N ASP A 248 20.27 9.39 -10.72
CA ASP A 248 19.94 10.55 -11.55
C ASP A 248 18.60 11.19 -11.15
N VAL A 249 17.85 10.50 -10.29
CA VAL A 249 16.51 10.96 -9.90
C VAL A 249 16.55 12.34 -9.20
N ILE A 250 17.39 12.46 -8.17
CA ILE A 250 17.47 13.71 -7.38
C ILE A 250 17.84 14.96 -8.23
N GLY A 251 18.73 14.76 -9.20
CA GLY A 251 19.14 15.85 -10.12
C GLY A 251 17.98 16.36 -10.96
N ARG A 252 17.13 15.44 -11.42
CA ARG A 252 15.96 15.81 -12.20
C ARG A 252 14.97 16.57 -11.33
N ILE A 253 14.70 16.06 -10.13
CA ILE A 253 13.82 16.78 -9.20
C ILE A 253 14.34 18.18 -8.95
N GLU A 254 15.63 18.28 -8.68
CA GLU A 254 16.23 19.55 -8.36
C GLU A 254 16.35 20.52 -9.54
N ASN A 255 16.26 19.98 -10.76
CA ASN A 255 16.13 20.78 -12.00
C ASN A 255 14.69 21.28 -12.26
N GLY A 256 13.75 20.91 -11.38
CA GLY A 256 12.35 21.31 -11.54
C GLY A 256 11.50 20.31 -12.27
N GLU A 257 12.12 19.22 -12.72
CA GLU A 257 11.39 18.22 -13.53
C GLU A 257 10.45 17.38 -12.68
N ARG A 258 9.32 17.04 -13.28
CA ARG A 258 8.33 16.20 -12.61
C ARG A 258 7.75 15.20 -13.61
N LEU A 259 7.21 14.10 -13.09
CA LEU A 259 6.49 13.11 -13.90
C LEU A 259 5.39 13.82 -14.68
N PRO A 260 5.23 13.51 -15.98
CA PRO A 260 4.33 14.23 -16.88
C PRO A 260 2.86 13.87 -16.66
N MET A 261 1.93 14.72 -17.13
CA MET A 261 0.51 14.37 -17.04
C MET A 261 0.20 13.07 -17.78
N PRO A 262 -0.41 12.07 -17.09
CA PRO A 262 -0.75 10.83 -17.77
C PRO A 262 -1.79 11.08 -18.89
N PRO A 263 -1.71 10.30 -19.99
CA PRO A 263 -2.73 10.34 -21.04
C PRO A 263 -4.14 10.26 -20.46
N ASN A 264 -5.02 11.13 -20.94
CA ASN A 264 -6.44 11.12 -20.53
C ASN A 264 -6.70 11.45 -19.05
N CYS A 265 -5.66 11.85 -18.32
CA CYS A 265 -5.81 12.25 -16.90
C CYS A 265 -6.43 13.65 -16.77
N PRO A 266 -7.47 13.80 -15.92
CA PRO A 266 -8.04 15.14 -15.71
C PRO A 266 -7.00 16.15 -15.25
N PRO A 267 -6.91 17.33 -15.92
CA PRO A 267 -5.94 18.34 -15.50
C PRO A 267 -5.99 18.70 -14.00
N THR A 268 -7.17 18.73 -13.42
CA THR A 268 -7.30 19.02 -11.97
C THR A 268 -6.60 17.93 -11.11
N LEU A 269 -6.70 16.69 -11.55
CA LEU A 269 -6.09 15.56 -10.82
C LEU A 269 -4.57 15.57 -10.94
N TYR A 270 -4.06 15.83 -12.16
CA TYR A 270 -2.63 16.03 -12.32
C TYR A 270 -2.14 17.20 -11.49
N SER A 271 -2.89 18.30 -11.47
CA SER A 271 -2.51 19.43 -10.65
C SER A 271 -2.31 19.03 -9.18
N LEU A 272 -3.24 18.21 -8.67
CA LEU A 272 -3.17 17.72 -7.30
C LEU A 272 -1.87 16.93 -7.03
N MET A 273 -1.49 16.08 -7.98
CA MET A 273 -0.23 15.33 -7.93
C MET A 273 0.97 16.27 -7.83
N THR A 274 1.01 17.31 -8.67
CA THR A 274 2.14 18.25 -8.64
C THR A 274 2.28 18.96 -7.29
N LYS A 275 1.16 19.12 -6.56
CA LYS A 275 1.23 19.74 -5.24
C LYS A 275 1.89 18.81 -4.22
N CYS A 276 1.66 17.51 -4.38
CA CYS A 276 2.35 16.53 -3.54
C CYS A 276 3.86 16.59 -3.75
N TRP A 277 4.28 17.14 -4.88
CA TRP A 277 5.69 17.18 -5.24
C TRP A 277 6.33 18.53 -5.08
N ALA A 278 5.82 19.33 -4.15
CA ALA A 278 6.53 20.54 -3.75
C ALA A 278 7.89 20.14 -3.19
N TYR A 279 8.95 20.82 -3.61
CA TYR A 279 10.28 20.49 -3.11
C TYR A 279 10.37 20.68 -1.58
N ASP A 280 9.81 21.79 -1.09
CA ASP A 280 9.76 22.07 0.35
C ASP A 280 8.66 21.25 0.97
N PRO A 281 9.00 20.32 1.87
CA PRO A 281 7.96 19.44 2.46
C PRO A 281 6.80 20.20 3.12
N SER A 282 7.09 21.36 3.71
CA SER A 282 6.08 22.20 4.40
C SER A 282 5.03 22.79 3.45
N ARG A 283 5.33 22.78 2.16
CA ARG A 283 4.41 23.30 1.13
C ARG A 283 3.48 22.23 0.53
N ARG A 284 3.72 20.96 0.88
CA ARG A 284 2.83 19.87 0.41
C ARG A 284 1.52 19.85 1.17
N PRO A 285 0.42 19.36 0.53
CA PRO A 285 -0.81 19.19 1.29
C PRO A 285 -0.72 18.10 2.34
N ARG A 286 -1.55 18.20 3.38
CA ARG A 286 -1.76 17.11 4.32
C ARG A 286 -2.70 16.08 3.70
N PHE A 287 -2.64 14.84 4.19
CA PHE A 287 -3.58 13.80 3.74
C PHE A 287 -5.06 14.19 3.91
N THR A 288 -5.39 14.90 4.98
CA THR A 288 -6.76 15.41 5.13
C THR A 288 -7.20 16.27 3.93
N GLU A 289 -6.32 17.16 3.45
CA GLU A 289 -6.61 17.96 2.25
C GLU A 289 -6.67 17.15 0.97
N LEU A 290 -5.74 16.20 0.79
CA LEU A 290 -5.80 15.31 -0.37
C LEU A 290 -7.14 14.59 -0.49
N LYS A 291 -7.65 14.08 0.64
CA LYS A 291 -8.89 13.31 0.70
C LYS A 291 -10.10 14.21 0.34
N ALA A 292 -10.06 15.45 0.80
CA ALA A 292 -11.09 16.45 0.43
C ALA A 292 -11.07 16.77 -1.07
N GLN A 293 -9.88 17.04 -1.60
CA GLN A 293 -9.71 17.34 -3.03
C GLN A 293 -10.07 16.17 -3.96
N LEU A 294 -9.70 14.94 -3.57
CA LEU A 294 -10.01 13.77 -4.39
C LEU A 294 -11.52 13.51 -4.47
N SER A 295 -12.21 13.78 -3.37
CA SER A 295 -13.65 13.70 -3.36
C SER A 295 -14.30 14.65 -4.38
N THR A 296 -13.83 15.89 -4.45
CA THR A 296 -14.41 16.88 -5.37
C THR A 296 -14.13 16.46 -6.83
N ILE A 297 -12.94 15.93 -7.08
CA ILE A 297 -12.55 15.44 -8.40
C ILE A 297 -13.40 14.23 -8.79
N LEU A 298 -13.63 13.32 -7.84
CA LEU A 298 -14.39 12.11 -8.13
C LEU A 298 -15.82 12.47 -8.55
N GLU A 299 -16.43 13.39 -7.81
CA GLU A 299 -17.79 13.86 -8.10
C GLU A 299 -17.88 14.54 -9.46
N GLU A 300 -16.87 15.34 -9.78
CA GLU A 300 -16.84 16.09 -11.03
C GLU A 300 -16.79 15.18 -12.25
N GLU A 301 -15.98 14.11 -12.16
CA GLU A 301 -15.87 13.12 -13.23
C GLU A 301 -17.20 12.38 -13.39
N LYS A 302 -17.90 12.19 -12.28
CA LYS A 302 -19.22 11.56 -12.30
C LYS A 302 -20.32 12.52 -12.76
N ALA A 303 -20.00 13.81 -12.86
CA ALA A 303 -20.90 14.81 -13.42
C ALA A 303 -20.66 15.05 -14.92
N GLN A 304 -19.73 14.29 -15.50
CA GLN A 304 -19.34 14.45 -16.90
C GLN A 304 -19.87 13.34 -17.81
#